data_7KXL
#
_entry.id   7KXL
#
_cell.length_a   71.820
_cell.length_b   103.840
_cell.length_c   38.250
_cell.angle_alpha   90.000
_cell.angle_beta   90.000
_cell.angle_gamma   90.000
#
_symmetry.space_group_name_H-M   'P 21 21 2'
#
loop_
_entity.id
_entity.type
_entity.pdbx_description
1 polymer 'Tyrosine-protein kinase BTK'
2 non-polymer 3-tert-butyl-N-({2-fluoro-4-[2-(1-methyl-1H-pyrazol-4-yl)-1H-imidazo[4,5-b]pyridin-7-yl]phenyl}methyl)-1,2,4-oxadiazole-5-carboxamide
3 non-polymer 'DIMETHYL SULFOXIDE'
4 water water
#
_entity_poly.entity_id   1
_entity_poly.type   'polypeptide(L)'
_entity_poly.pdbx_seq_one_letter_code
;YGSWEIDPKDLTFLKELGTGQFGVVKYGKWRGQYDVAIKMIKEGSMSEDEFIEEAKVMMNLSHEKLVQLYGVCTKQRPIF
IITEYMANGCLLNYLREMRHRFQTQQLLEMCKDVCEAMEYLESKQFLHRDLAARNCLVNDQGVVKVSDFGLSRYVLDDEY
TSSVGSKFPVRWSPPEVLMYSKFSSKSDIWAFGVLMWEIYSLGKMPYERFTNSETAEHIAQGLRLYRPHLASEKVYTIMY
SCWHEKADERPTFKILLSNILDVMDEES
;
_entity_poly.pdbx_strand_id   A
#
loop_
_chem_comp.id
_chem_comp.type
_chem_comp.name
_chem_comp.formula
DMS non-polymer 'DIMETHYL SULFOXIDE' 'C2 H6 O S'
X9J non-polymer 3-tert-butyl-N-({2-fluoro-4-[2-(1-methyl-1H-pyrazol-4-yl)-1H-imidazo[4,5-b]pyridin-7-yl]phenyl}methyl)-1,2,4-oxadiazole-5-carboxamide 'C24 H23 F N8 O2'
#
# COMPACT_ATOMS: atom_id res chain seq x y z
N TYR A 1 0.80 26.57 -12.62
CA TYR A 1 1.46 26.89 -13.89
C TYR A 1 1.61 25.66 -14.82
N GLY A 2 2.34 24.64 -14.37
CA GLY A 2 2.56 23.40 -15.13
C GLY A 2 1.38 22.45 -14.99
N SER A 3 1.26 21.46 -15.92
CA SER A 3 0.19 20.45 -15.94
C SER A 3 -0.02 19.75 -14.58
N TRP A 4 1.08 19.52 -13.85
CA TRP A 4 1.14 18.85 -12.56
C TRP A 4 0.86 19.80 -11.38
N GLU A 5 0.86 21.10 -11.65
CA GLU A 5 0.79 22.15 -10.64
C GLU A 5 -0.63 22.58 -10.31
N ILE A 6 -0.98 22.55 -9.02
CA ILE A 6 -2.28 23.00 -8.52
C ILE A 6 -2.08 24.29 -7.75
N ASP A 7 -3.00 25.25 -7.92
CA ASP A 7 -2.96 26.52 -7.20
C ASP A 7 -3.51 26.24 -5.79
N PRO A 8 -2.70 26.45 -4.72
CA PRO A 8 -3.20 26.24 -3.36
C PRO A 8 -4.39 27.12 -2.98
N LYS A 9 -4.57 28.25 -3.70
CA LYS A 9 -5.69 29.18 -3.47
C LYS A 9 -7.02 28.55 -3.88
N ASP A 10 -6.97 27.50 -4.73
CA ASP A 10 -8.14 26.72 -5.15
C ASP A 10 -8.63 25.71 -4.11
N LEU A 11 -7.91 25.58 -2.97
CA LEU A 11 -8.20 24.63 -1.90
C LEU A 11 -8.97 25.23 -0.75
N THR A 12 -9.95 24.48 -0.25
CA THR A 12 -10.75 24.80 0.94
C THR A 12 -10.43 23.63 1.90
N PHE A 13 -9.87 23.90 3.07
CA PHE A 13 -9.55 22.90 4.10
C PHE A 13 -10.72 22.67 5.01
N LEU A 14 -11.14 21.41 5.17
CA LEU A 14 -12.32 21.13 5.97
C LEU A 14 -12.06 20.30 7.23
N LYS A 15 -11.18 19.27 7.15
CA LYS A 15 -10.91 18.41 8.31
C LYS A 15 -9.55 17.76 8.30
N GLU A 16 -8.99 17.47 9.47
CA GLU A 16 -7.75 16.70 9.56
C GLU A 16 -8.08 15.21 9.36
N LEU A 17 -7.38 14.54 8.43
CA LEU A 17 -7.59 13.11 8.14
C LEU A 17 -6.66 12.22 8.95
N GLY A 18 -5.41 12.64 9.08
CA GLY A 18 -4.38 11.90 9.81
C GLY A 18 -3.00 12.47 9.62
N THR A 19 -1.99 11.79 10.16
CA THR A 19 -0.58 12.14 10.13
C THR A 19 0.19 10.88 9.69
N GLY A 20 1.14 11.06 8.80
CA GLY A 20 1.96 9.98 8.31
C GLY A 20 3.41 10.37 8.27
N GLN A 21 4.20 9.66 7.45
CA GLN A 21 5.64 9.90 7.32
C GLN A 21 5.98 11.34 6.94
N PHE A 22 5.14 11.97 6.12
CA PHE A 22 5.41 13.35 5.70
C PHE A 22 4.59 14.40 6.47
N GLY A 23 3.94 14.00 7.57
CA GLY A 23 3.17 14.92 8.40
C GLY A 23 1.67 14.80 8.20
N VAL A 24 0.95 15.91 8.41
CA VAL A 24 -0.51 15.95 8.36
C VAL A 24 -1.10 15.82 6.94
N VAL A 25 -2.27 15.17 6.86
CA VAL A 25 -3.07 14.99 5.67
C VAL A 25 -4.47 15.50 6.03
N LYS A 26 -4.98 16.43 5.24
CA LYS A 26 -6.29 17.04 5.49
C LYS A 26 -7.24 16.75 4.36
N TYR A 27 -8.54 16.84 4.63
CA TYR A 27 -9.61 16.67 3.65
C TYR A 27 -10.02 18.08 3.26
N GLY A 28 -10.24 18.25 1.97
CA GLY A 28 -10.58 19.54 1.40
C GLY A 28 -11.38 19.49 0.12
N LYS A 29 -11.68 20.67 -0.40
CA LYS A 29 -12.36 20.85 -1.67
C LYS A 29 -11.42 21.56 -2.61
N TRP A 30 -11.48 21.22 -3.89
CA TRP A 30 -10.72 21.92 -4.91
C TRP A 30 -11.78 22.63 -5.73
N ARG A 31 -11.63 23.96 -5.84
CA ARG A 31 -12.55 24.81 -6.58
C ARG A 31 -14.01 24.60 -6.12
N GLY A 32 -14.16 24.49 -4.80
CA GLY A 32 -15.43 24.38 -4.10
C GLY A 32 -16.22 23.08 -4.20
N GLN A 33 -16.03 22.27 -5.25
CA GLN A 33 -16.84 21.06 -5.45
C GLN A 33 -16.11 19.73 -5.38
N TYR A 34 -14.82 19.70 -5.73
CA TYR A 34 -14.15 18.42 -5.84
C TYR A 34 -13.43 17.99 -4.58
N ASP A 35 -13.79 16.80 -4.06
CA ASP A 35 -13.16 16.23 -2.85
C ASP A 35 -11.70 15.92 -3.09
N VAL A 36 -10.85 16.29 -2.15
CA VAL A 36 -9.43 16.01 -2.27
C VAL A 36 -8.88 15.69 -0.89
N ALA A 37 -7.72 15.02 -0.85
CA ALA A 37 -6.91 14.81 0.34
C ALA A 37 -5.64 15.63 0.03
N ILE A 38 -5.18 16.37 1.02
CA ILE A 38 -4.06 17.29 0.90
C ILE A 38 -2.97 16.88 1.87
N LYS A 39 -1.86 16.41 1.32
CA LYS A 39 -0.70 16.07 2.14
C LYS A 39 0.07 17.36 2.34
N MET A 40 0.21 17.81 3.58
CA MET A 40 1.03 18.98 3.87
C MET A 40 2.39 18.48 4.29
N ILE A 41 3.32 18.44 3.32
CA ILE A 41 4.67 17.87 3.48
C ILE A 41 5.54 18.66 4.46
N LYS A 42 5.83 18.04 5.61
CA LYS A 42 6.65 18.63 6.65
C LYS A 42 8.11 18.83 6.17
N GLU A 43 8.75 19.92 6.60
CA GLU A 43 10.13 20.27 6.26
C GLU A 43 11.11 19.18 6.68
N GLY A 44 12.00 18.82 5.76
CA GLY A 44 13.03 17.83 5.97
C GLY A 44 12.54 16.40 5.90
N SER A 45 11.24 16.20 5.60
CA SER A 45 10.73 14.84 5.56
C SER A 45 10.81 14.22 4.17
N MET A 46 10.99 15.04 3.12
CA MET A 46 10.96 14.54 1.75
C MET A 46 12.04 15.09 0.81
N SER A 47 12.44 14.26 -0.18
CA SER A 47 13.34 14.66 -1.25
C SER A 47 12.43 15.33 -2.26
N GLU A 48 12.10 16.61 -1.99
CA GLU A 48 11.08 17.37 -2.72
C GLU A 48 11.33 17.53 -4.20
N ASP A 49 12.55 17.96 -4.60
CA ASP A 49 12.88 18.17 -6.01
C ASP A 49 12.79 16.87 -6.82
N GLU A 50 13.23 15.77 -6.21
CA GLU A 50 13.13 14.45 -6.84
C GLU A 50 11.68 14.00 -6.97
N PHE A 51 10.88 14.18 -5.89
CA PHE A 51 9.46 13.82 -5.94
C PHE A 51 8.75 14.61 -7.06
N ILE A 52 8.99 15.93 -7.14
CA ILE A 52 8.41 16.85 -8.13
C ILE A 52 8.61 16.32 -9.54
N GLU A 53 9.84 15.92 -9.88
CA GLU A 53 10.10 15.33 -11.21
C GLU A 53 9.29 14.03 -11.41
N GLU A 54 9.17 13.19 -10.37
CA GLU A 54 8.43 11.91 -10.46
C GLU A 54 6.90 12.08 -10.48
N ALA A 55 6.39 13.17 -9.88
CA ALA A 55 4.94 13.44 -9.81
C ALA A 55 4.34 13.47 -11.21
N LYS A 56 5.10 13.96 -12.20
CA LYS A 56 4.73 14.03 -13.61
C LYS A 56 4.37 12.62 -14.14
N VAL A 57 5.21 11.60 -13.85
CA VAL A 57 4.98 10.20 -14.22
C VAL A 57 3.84 9.61 -13.36
N MET A 58 3.87 9.87 -12.05
CA MET A 58 2.87 9.33 -11.13
C MET A 58 1.44 9.79 -11.42
N MET A 59 1.30 11.00 -11.96
CA MET A 59 0.02 11.57 -12.34
C MET A 59 -0.58 10.82 -13.52
N ASN A 60 0.26 10.21 -14.35
CA ASN A 60 -0.16 9.44 -15.53
C ASN A 60 -0.52 7.99 -15.16
N LEU A 61 -0.31 7.59 -13.89
CA LEU A 61 -0.72 6.28 -13.40
C LEU A 61 -2.17 6.40 -13.01
N SER A 62 -3.05 5.96 -13.90
CA SER A 62 -4.48 6.04 -13.74
C SER A 62 -5.11 4.66 -13.80
N HIS A 63 -5.79 4.28 -12.72
CA HIS A 63 -6.50 3.02 -12.62
C HIS A 63 -7.53 3.21 -11.53
N GLU A 64 -8.73 2.64 -11.74
CA GLU A 64 -9.83 2.69 -10.80
C GLU A 64 -9.44 2.27 -9.39
N LYS A 65 -8.41 1.38 -9.22
CA LYS A 65 -8.07 0.87 -7.90
C LYS A 65 -6.82 1.49 -7.31
N LEU A 66 -6.35 2.57 -7.92
CA LEU A 66 -5.18 3.30 -7.50
C LEU A 66 -5.65 4.67 -7.01
N VAL A 67 -5.24 5.06 -5.79
CA VAL A 67 -5.55 6.39 -5.26
C VAL A 67 -4.78 7.41 -6.15
N GLN A 68 -5.53 8.11 -6.99
CA GLN A 68 -5.06 9.07 -8.00
C GLN A 68 -4.31 10.28 -7.41
N LEU A 69 -3.20 10.64 -8.05
CA LEU A 69 -2.43 11.85 -7.73
C LEU A 69 -3.02 12.91 -8.66
N TYR A 70 -3.57 13.97 -8.09
CA TYR A 70 -4.19 15.06 -8.85
C TYR A 70 -3.21 16.14 -9.23
N GLY A 71 -2.23 16.38 -8.37
CA GLY A 71 -1.23 17.40 -8.62
C GLY A 71 -0.48 17.80 -7.38
N VAL A 72 0.37 18.83 -7.50
CA VAL A 72 1.22 19.30 -6.42
C VAL A 72 1.19 20.80 -6.30
N CYS A 73 1.40 21.32 -5.08
CA CYS A 73 1.53 22.76 -4.84
C CYS A 73 2.97 22.96 -4.44
N THR A 74 3.80 23.38 -5.37
CA THR A 74 5.24 23.47 -5.12
C THR A 74 5.81 24.88 -5.05
N LYS A 75 5.04 25.89 -5.51
CA LYS A 75 5.47 27.30 -5.51
C LYS A 75 5.31 27.86 -4.08
N GLN A 76 5.82 27.11 -3.06
CA GLN A 76 5.67 27.36 -1.63
C GLN A 76 6.38 26.29 -0.78
N ARG A 77 6.29 26.44 0.56
CA ARG A 77 6.75 25.52 1.60
C ARG A 77 5.95 25.76 2.89
N PRO A 78 5.28 24.73 3.47
CA PRO A 78 5.22 23.32 3.04
C PRO A 78 4.62 23.12 1.64
N ILE A 79 5.19 22.17 0.87
CA ILE A 79 4.64 21.82 -0.44
C ILE A 79 3.43 20.93 -0.14
N PHE A 80 2.46 20.86 -1.06
CA PHE A 80 1.30 20.02 -0.89
C PHE A 80 1.24 18.97 -2.00
N ILE A 81 0.77 17.76 -1.65
CA ILE A 81 0.49 16.67 -2.58
C ILE A 81 -1.07 16.53 -2.55
N ILE A 82 -1.72 16.59 -3.70
CA ILE A 82 -3.18 16.57 -3.79
C ILE A 82 -3.59 15.27 -4.41
N THR A 83 -4.36 14.49 -3.65
CA THR A 83 -4.77 13.16 -4.07
C THR A 83 -6.28 12.98 -4.06
N GLU A 84 -6.71 11.82 -4.54
CA GLU A 84 -8.08 11.36 -4.51
C GLU A 84 -8.43 11.16 -3.02
N TYR A 85 -9.62 11.60 -2.61
CA TYR A 85 -10.13 11.44 -1.25
C TYR A 85 -10.92 10.11 -1.11
N MET A 86 -10.68 9.42 -0.01
CA MET A 86 -11.26 8.11 0.34
C MET A 86 -11.98 8.27 1.69
N ALA A 87 -13.30 8.27 1.66
CA ALA A 87 -14.12 8.53 2.83
C ALA A 87 -13.92 7.57 4.00
N ASN A 88 -13.61 6.28 3.75
CA ASN A 88 -13.57 5.29 4.83
C ASN A 88 -12.18 5.03 5.40
N GLY A 89 -11.23 5.82 4.98
CA GLY A 89 -9.88 5.81 5.52
C GLY A 89 -9.05 4.61 5.21
N CYS A 90 -8.10 4.41 6.09
CA CYS A 90 -7.08 3.39 6.13
C CYS A 90 -7.67 1.96 6.16
N LEU A 91 -7.25 1.06 5.23
CA LEU A 91 -7.75 -0.32 5.17
C LEU A 91 -7.45 -1.07 6.48
N LEU A 92 -6.29 -0.81 7.08
CA LEU A 92 -5.93 -1.44 8.32
C LEU A 92 -6.92 -1.11 9.42
N ASN A 93 -7.26 0.17 9.57
CA ASN A 93 -8.25 0.56 10.60
C ASN A 93 -9.60 -0.02 10.30
N TYR A 94 -9.95 -0.06 9.00
CA TYR A 94 -11.24 -0.58 8.52
C TYR A 94 -11.40 -2.09 8.86
N LEU A 95 -10.35 -2.90 8.61
CA LEU A 95 -10.31 -4.32 8.92
C LEU A 95 -10.49 -4.57 10.41
N ARG A 96 -9.87 -3.72 11.26
CA ARG A 96 -9.92 -3.87 12.74
C ARG A 96 -11.25 -3.46 13.36
N GLU A 97 -12.13 -2.81 12.62
CA GLU A 97 -13.46 -2.46 13.14
C GLU A 97 -14.35 -3.71 13.04
N MET A 98 -14.51 -4.45 14.14
CA MET A 98 -15.28 -5.70 14.20
C MET A 98 -16.76 -5.51 13.86
N ARG A 99 -17.28 -4.26 13.90
CA ARG A 99 -18.70 -4.02 13.58
C ARG A 99 -19.06 -4.39 12.14
N HIS A 100 -18.10 -4.30 11.18
CA HIS A 100 -18.39 -4.63 9.78
C HIS A 100 -18.83 -6.08 9.57
N ARG A 101 -18.38 -7.02 10.44
CA ARG A 101 -18.67 -8.47 10.41
C ARG A 101 -18.59 -8.99 8.98
N PHE A 102 -17.44 -8.71 8.36
CA PHE A 102 -17.13 -9.04 6.98
C PHE A 102 -17.35 -10.49 6.67
N GLN A 103 -17.97 -10.75 5.52
CA GLN A 103 -18.14 -12.09 4.98
C GLN A 103 -16.85 -12.32 4.21
N THR A 104 -16.45 -13.59 4.06
CA THR A 104 -15.22 -13.95 3.34
C THR A 104 -15.22 -13.45 1.89
N GLN A 105 -16.42 -13.38 1.23
CA GLN A 105 -16.58 -12.85 -0.14
C GLN A 105 -16.15 -11.38 -0.21
N GLN A 106 -16.42 -10.60 0.89
CA GLN A 106 -16.00 -9.20 0.98
C GLN A 106 -14.49 -9.10 1.15
N LEU A 107 -13.87 -10.01 1.97
CA LEU A 107 -12.42 -10.02 2.18
C LEU A 107 -11.68 -10.33 0.87
N LEU A 108 -12.23 -11.26 0.09
CA LEU A 108 -11.63 -11.61 -1.21
C LEU A 108 -11.71 -10.47 -2.22
N GLU A 109 -12.84 -9.72 -2.23
CA GLU A 109 -13.05 -8.56 -3.07
C GLU A 109 -12.02 -7.46 -2.73
N MET A 110 -11.64 -7.34 -1.46
CA MET A 110 -10.60 -6.38 -1.07
C MET A 110 -9.24 -6.78 -1.68
N CYS A 111 -8.91 -8.11 -1.65
CA CYS A 111 -7.68 -8.71 -2.20
C CYS A 111 -7.69 -8.49 -3.70
N LYS A 112 -8.86 -8.65 -4.30
CA LYS A 112 -9.01 -8.48 -5.74
C LYS A 112 -8.76 -7.05 -6.18
N ASP A 113 -9.39 -6.05 -5.50
CA ASP A 113 -9.20 -4.62 -5.73
C ASP A 113 -7.71 -4.26 -5.71
N VAL A 114 -7.00 -4.73 -4.67
CA VAL A 114 -5.55 -4.48 -4.52
C VAL A 114 -4.78 -5.14 -5.67
N CYS A 115 -5.10 -6.42 -5.95
CA CYS A 115 -4.46 -7.17 -7.03
C CYS A 115 -4.64 -6.49 -8.38
N GLU A 116 -5.83 -5.95 -8.68
CA GLU A 116 -6.06 -5.22 -9.94
C GLU A 116 -5.16 -3.96 -10.00
N ALA A 117 -5.02 -3.22 -8.89
CA ALA A 117 -4.15 -2.04 -8.85
C ALA A 117 -2.70 -2.47 -9.08
N MET A 118 -2.29 -3.56 -8.45
CA MET A 118 -0.91 -4.08 -8.51
C MET A 118 -0.56 -4.67 -9.85
N GLU A 119 -1.53 -5.27 -10.54
CA GLU A 119 -1.29 -5.78 -11.87
C GLU A 119 -1.09 -4.59 -12.83
N TYR A 120 -1.86 -3.50 -12.63
CA TYR A 120 -1.71 -2.26 -13.41
C TYR A 120 -0.29 -1.68 -13.18
N LEU A 121 0.12 -1.55 -11.92
CA LEU A 121 1.47 -1.03 -11.60
C LEU A 121 2.57 -1.90 -12.19
N GLU A 122 2.40 -3.24 -12.09
CA GLU A 122 3.33 -4.21 -12.63
C GLU A 122 3.44 -4.03 -14.16
N SER A 123 2.31 -3.76 -14.85
CA SER A 123 2.29 -3.56 -16.30
C SER A 123 3.01 -2.29 -16.73
N LYS A 124 3.19 -1.32 -15.79
CA LYS A 124 3.90 -0.05 -16.04
C LYS A 124 5.31 -0.13 -15.46
N GLN A 125 5.73 -1.32 -14.95
CA GLN A 125 7.05 -1.59 -14.33
C GLN A 125 7.33 -0.63 -13.19
N PHE A 126 6.27 -0.29 -12.44
CA PHE A 126 6.32 0.63 -11.31
C PHE A 126 6.12 -0.18 -10.05
N LEU A 127 7.07 -0.06 -9.10
CA LEU A 127 7.01 -0.74 -7.81
C LEU A 127 6.34 0.09 -6.77
N HIS A 128 5.57 -0.55 -5.90
CA HIS A 128 4.92 0.19 -4.81
C HIS A 128 6.03 0.50 -3.82
N ARG A 129 6.71 -0.58 -3.35
CA ARG A 129 7.81 -0.67 -2.38
C ARG A 129 7.37 -0.64 -0.92
N ASP A 130 6.09 -0.32 -0.65
CA ASP A 130 5.59 -0.34 0.72
C ASP A 130 4.11 -0.79 0.74
N LEU A 131 3.82 -1.88 0.04
CA LEU A 131 2.48 -2.47 0.00
C LEU A 131 2.15 -3.10 1.35
N ALA A 132 1.05 -2.65 1.97
CA ALA A 132 0.57 -3.12 3.28
C ALA A 132 -0.83 -2.54 3.45
N ALA A 133 -1.63 -3.09 4.38
CA ALA A 133 -3.01 -2.60 4.62
C ALA A 133 -3.01 -1.15 5.11
N ARG A 134 -1.94 -0.73 5.82
CA ARG A 134 -1.83 0.65 6.31
C ARG A 134 -1.68 1.61 5.10
N ASN A 135 -1.20 1.10 3.93
CA ASN A 135 -1.06 1.93 2.73
C ASN A 135 -2.15 1.69 1.68
N CYS A 136 -3.30 1.15 2.12
CA CYS A 136 -4.47 1.01 1.29
C CYS A 136 -5.54 1.84 1.97
N LEU A 137 -6.47 2.33 1.16
CA LEU A 137 -7.59 3.20 1.56
C LEU A 137 -8.90 2.64 1.06
N VAL A 138 -10.01 3.04 1.72
CA VAL A 138 -11.35 2.55 1.41
C VAL A 138 -12.25 3.73 1.11
N ASN A 139 -12.98 3.66 0.00
CA ASN A 139 -13.86 4.76 -0.37
C ASN A 139 -15.24 4.52 0.30
N ASP A 140 -16.20 5.41 0.07
CA ASP A 140 -17.54 5.33 0.62
C ASP A 140 -18.34 4.10 0.15
N GLN A 141 -17.91 3.47 -0.96
CA GLN A 141 -18.56 2.28 -1.55
C GLN A 141 -17.92 0.97 -1.02
N GLY A 142 -16.92 1.12 -0.17
CA GLY A 142 -16.17 0.01 0.41
C GLY A 142 -15.12 -0.54 -0.56
N VAL A 143 -14.88 0.19 -1.65
CA VAL A 143 -13.85 -0.17 -2.63
C VAL A 143 -12.45 0.17 -2.04
N VAL A 144 -11.55 -0.81 -2.08
CA VAL A 144 -10.18 -0.70 -1.60
C VAL A 144 -9.27 -0.21 -2.73
N LYS A 145 -8.40 0.77 -2.42
CA LYS A 145 -7.48 1.33 -3.43
C LYS A 145 -6.12 1.49 -2.83
N VAL A 146 -5.11 1.26 -3.68
CA VAL A 146 -3.70 1.33 -3.33
C VAL A 146 -3.24 2.78 -3.33
N SER A 147 -2.71 3.19 -2.20
CA SER A 147 -2.24 4.55 -1.96
C SER A 147 -0.73 4.56 -1.73
N ASP A 148 -0.13 5.73 -1.99
CA ASP A 148 1.26 6.11 -1.69
C ASP A 148 2.29 5.19 -2.34
N PHE A 149 1.90 4.67 -3.52
CA PHE A 149 2.75 3.82 -4.37
C PHE A 149 3.97 4.64 -4.86
N GLY A 150 5.17 4.10 -4.66
CA GLY A 150 6.42 4.74 -5.09
C GLY A 150 6.94 5.92 -4.28
N LEU A 151 6.16 6.38 -3.29
CA LEU A 151 6.54 7.51 -2.46
C LEU A 151 7.67 7.23 -1.50
N SER A 152 7.88 5.94 -1.14
CA SER A 152 8.96 5.51 -0.23
C SER A 152 10.33 6.01 -0.69
N ARG A 153 10.51 6.20 -2.00
CA ARG A 153 11.79 6.63 -2.58
C ARG A 153 12.20 8.04 -2.19
N TYR A 154 11.24 8.84 -1.70
CA TYR A 154 11.45 10.25 -1.35
C TYR A 154 11.47 10.52 0.15
N VAL A 155 11.36 9.46 0.97
CA VAL A 155 11.40 9.55 2.43
C VAL A 155 12.86 9.74 2.85
N LEU A 156 13.15 10.85 3.57
CA LEU A 156 14.50 11.18 4.03
C LEU A 156 14.93 10.52 5.36
N ASP A 157 13.95 10.05 6.14
CA ASP A 157 14.13 9.39 7.43
C ASP A 157 14.84 8.02 7.36
N ASP A 158 16.09 7.95 7.90
CA ASP A 158 16.91 6.72 7.90
C ASP A 158 16.28 5.57 8.67
N GLU A 159 15.44 5.87 9.68
CA GLU A 159 14.69 4.83 10.43
C GLU A 159 13.71 4.09 9.51
N TYR A 160 13.27 4.75 8.43
CA TYR A 160 12.35 4.18 7.44
C TYR A 160 13.10 3.49 6.27
N THR A 161 14.18 4.10 5.82
CA THR A 161 14.88 3.57 4.66
C THR A 161 15.81 2.39 4.98
N SER A 162 16.41 2.36 6.17
CA SER A 162 17.33 1.27 6.55
C SER A 162 16.51 0.00 6.83
N SER A 163 16.95 -1.17 6.31
CA SER A 163 16.28 -2.47 6.51
C SER A 163 16.37 -2.92 7.98
N VAL A 164 17.27 -2.31 8.74
CA VAL A 164 17.46 -2.55 10.17
C VAL A 164 16.80 -1.41 10.98
N GLY A 165 16.23 -0.42 10.28
CA GLY A 165 15.55 0.71 10.88
C GLY A 165 14.25 0.36 11.60
N SER A 166 13.85 1.21 12.54
CA SER A 166 12.64 0.99 13.34
C SER A 166 11.36 1.10 12.54
N LYS A 167 11.37 1.93 11.47
CA LYS A 167 10.17 2.17 10.64
C LYS A 167 10.13 1.38 9.33
N PHE A 168 11.21 0.62 9.02
CA PHE A 168 11.26 -0.18 7.78
C PHE A 168 10.19 -1.29 7.77
N PRO A 169 9.53 -1.54 6.62
CA PRO A 169 8.45 -2.57 6.61
C PRO A 169 8.96 -4.02 6.57
N VAL A 170 9.72 -4.42 7.60
CA VAL A 170 10.33 -5.75 7.79
C VAL A 170 9.32 -6.91 7.57
N ARG A 171 8.17 -6.85 8.21
CA ARG A 171 7.13 -7.91 8.16
C ARG A 171 6.46 -8.07 6.80
N TRP A 172 6.68 -7.13 5.86
CA TRP A 172 6.11 -7.17 4.51
C TRP A 172 7.19 -7.41 3.48
N SER A 173 8.41 -7.72 3.94
CA SER A 173 9.58 -7.89 3.06
C SER A 173 10.02 -9.32 2.85
N PRO A 174 10.39 -9.68 1.61
CA PRO A 174 10.93 -11.03 1.37
C PRO A 174 12.38 -11.18 1.89
N PRO A 175 12.91 -12.42 1.97
CA PRO A 175 14.31 -12.59 2.43
C PRO A 175 15.34 -11.80 1.64
N GLU A 176 15.25 -11.83 0.30
CA GLU A 176 16.25 -11.14 -0.51
C GLU A 176 16.28 -9.63 -0.25
N VAL A 177 15.14 -9.05 0.20
CA VAL A 177 15.12 -7.62 0.55
C VAL A 177 15.89 -7.42 1.84
N LEU A 178 15.57 -8.21 2.88
CA LEU A 178 16.23 -8.07 4.18
C LEU A 178 17.70 -8.44 4.14
N MET A 179 18.06 -9.43 3.33
CA MET A 179 19.44 -9.90 3.23
C MET A 179 20.32 -9.06 2.33
N TYR A 180 19.85 -8.74 1.10
CA TYR A 180 20.70 -8.06 0.11
C TYR A 180 20.15 -6.79 -0.51
N SER A 181 19.02 -6.24 -0.02
CA SER A 181 18.34 -5.07 -0.58
C SER A 181 17.98 -5.32 -2.05
N LYS A 182 17.51 -6.55 -2.33
CA LYS A 182 17.12 -6.92 -3.69
C LYS A 182 15.61 -6.67 -3.87
N PHE A 183 15.28 -5.52 -4.45
CA PHE A 183 13.92 -5.08 -4.69
C PHE A 183 13.55 -5.40 -6.12
N SER A 184 12.34 -5.91 -6.35
CA SER A 184 11.87 -6.22 -7.71
C SER A 184 10.36 -6.28 -7.68
N SER A 185 9.73 -6.61 -8.82
CA SER A 185 8.27 -6.83 -8.81
C SER A 185 7.99 -7.95 -7.78
N LYS A 186 8.94 -8.93 -7.61
CA LYS A 186 8.72 -10.06 -6.69
C LYS A 186 8.72 -9.69 -5.20
N SER A 187 9.27 -8.50 -4.83
CA SER A 187 9.20 -8.03 -3.43
C SER A 187 7.85 -7.41 -3.21
N ASP A 188 7.23 -6.85 -4.27
CA ASP A 188 5.83 -6.38 -4.15
C ASP A 188 4.89 -7.61 -4.05
N ILE A 189 5.19 -8.69 -4.79
CA ILE A 189 4.38 -9.92 -4.73
C ILE A 189 4.35 -10.44 -3.28
N TRP A 190 5.54 -10.52 -2.66
CA TRP A 190 5.70 -10.99 -1.28
C TRP A 190 4.83 -10.16 -0.36
N ALA A 191 4.98 -8.80 -0.42
CA ALA A 191 4.16 -7.86 0.35
C ALA A 191 2.66 -8.05 0.09
N PHE A 192 2.27 -8.30 -1.17
CA PHE A 192 0.84 -8.57 -1.45
C PHE A 192 0.33 -9.81 -0.71
N GLY A 193 1.15 -10.87 -0.63
CA GLY A 193 0.75 -12.06 0.10
C GLY A 193 0.54 -11.76 1.58
N VAL A 194 1.42 -10.95 2.15
CA VAL A 194 1.28 -10.51 3.52
C VAL A 194 0.00 -9.65 3.68
N LEU A 195 -0.27 -8.75 2.73
CA LEU A 195 -1.48 -7.93 2.78
C LEU A 195 -2.73 -8.83 2.76
N MET A 196 -2.70 -9.92 1.96
CA MET A 196 -3.83 -10.87 1.91
C MET A 196 -4.00 -11.46 3.28
N TRP A 197 -2.86 -11.83 3.95
CA TRP A 197 -2.87 -12.36 5.30
C TRP A 197 -3.48 -11.32 6.26
N GLU A 198 -3.10 -10.04 6.15
CA GLU A 198 -3.66 -8.98 7.02
C GLU A 198 -5.21 -8.87 6.84
N ILE A 199 -5.67 -8.95 5.59
CA ILE A 199 -7.11 -8.87 5.31
C ILE A 199 -7.85 -10.02 5.97
N TYR A 200 -7.39 -11.27 5.72
CA TYR A 200 -8.07 -12.45 6.26
C TYR A 200 -7.91 -12.62 7.76
N SER A 201 -6.96 -11.87 8.38
CA SER A 201 -6.74 -11.86 9.85
C SER A 201 -7.47 -10.68 10.48
N LEU A 202 -8.22 -9.91 9.67
CA LEU A 202 -8.97 -8.73 10.15
C LEU A 202 -8.02 -7.69 10.81
N GLY A 203 -6.87 -7.50 10.18
CA GLY A 203 -5.86 -6.51 10.54
C GLY A 203 -4.90 -6.86 11.67
N LYS A 204 -4.76 -8.15 12.00
CA LYS A 204 -3.76 -8.57 13.01
C LYS A 204 -2.37 -8.20 12.45
N MET A 205 -1.39 -7.96 13.34
N MET A 205 -1.39 -7.97 13.34
CA MET A 205 -0.02 -7.66 12.91
CA MET A 205 -0.01 -7.68 12.96
C MET A 205 0.62 -8.98 12.44
C MET A 205 0.63 -8.99 12.44
N PRO A 206 1.23 -8.99 11.23
CA PRO A 206 1.95 -10.20 10.77
C PRO A 206 3.07 -10.51 11.77
N TYR A 207 3.20 -11.78 12.20
CA TYR A 207 4.22 -12.28 13.14
C TYR A 207 4.05 -11.58 14.49
N GLU A 208 2.78 -11.44 14.94
CA GLU A 208 2.39 -10.68 16.13
C GLU A 208 3.18 -10.95 17.38
N ARG A 209 3.71 -12.17 17.55
CA ARG A 209 4.46 -12.45 18.77
C ARG A 209 5.95 -12.29 18.60
N PHE A 210 6.40 -11.86 17.40
CA PHE A 210 7.84 -11.68 17.12
C PHE A 210 8.25 -10.22 17.02
N THR A 211 9.54 -9.93 17.18
CA THR A 211 10.08 -8.61 16.93
C THR A 211 10.44 -8.62 15.43
N ASN A 212 10.86 -7.47 14.90
CA ASN A 212 11.30 -7.34 13.50
C ASN A 212 12.51 -8.26 13.25
N SER A 213 13.48 -8.30 14.19
N SER A 213 13.49 -8.30 14.17
N SER A 213 13.48 -8.30 14.17
CA SER A 213 14.68 -9.12 14.12
CA SER A 213 14.69 -9.14 14.05
CA SER A 213 14.68 -9.14 14.08
C SER A 213 14.33 -10.61 14.05
C SER A 213 14.35 -10.63 14.06
C SER A 213 14.35 -10.62 14.06
N GLU A 214 13.43 -11.06 14.95
CA GLU A 214 12.97 -12.45 15.02
C GLU A 214 12.19 -12.80 13.75
N THR A 215 11.39 -11.85 13.19
CA THR A 215 10.65 -12.09 11.94
C THR A 215 11.64 -12.34 10.80
N ALA A 216 12.69 -11.49 10.69
CA ALA A 216 13.72 -11.63 9.65
C ALA A 216 14.39 -13.00 9.72
N GLU A 217 14.77 -13.46 10.93
CA GLU A 217 15.37 -14.78 11.14
C GLU A 217 14.39 -15.88 10.74
N HIS A 218 13.11 -15.77 11.15
CA HIS A 218 12.05 -16.75 10.92
C HIS A 218 11.90 -17.03 9.43
N ILE A 219 11.76 -15.95 8.67
CA ILE A 219 11.55 -15.87 7.22
C ILE A 219 12.78 -16.39 6.47
N ALA A 220 13.98 -16.09 6.98
CA ALA A 220 15.23 -16.54 6.35
C ALA A 220 15.45 -18.05 6.50
N GLN A 221 14.84 -18.67 7.52
CA GLN A 221 14.87 -20.11 7.79
C GLN A 221 13.78 -20.87 7.00
N GLY A 222 13.04 -20.16 6.16
CA GLY A 222 11.99 -20.75 5.33
C GLY A 222 10.65 -20.85 6.02
N LEU A 223 10.52 -20.30 7.23
CA LEU A 223 9.25 -20.37 7.92
C LEU A 223 8.35 -19.19 7.51
N ARG A 224 7.03 -19.39 7.61
CA ARG A 224 6.04 -18.46 7.12
C ARG A 224 4.90 -18.20 8.07
N LEU A 225 4.09 -17.18 7.71
CA LEU A 225 2.86 -16.87 8.39
C LEU A 225 1.96 -18.07 8.12
N TYR A 226 1.11 -18.41 9.06
CA TYR A 226 0.21 -19.53 8.82
C TYR A 226 -1.23 -19.06 8.54
N ARG A 227 -2.09 -20.02 8.24
CA ARG A 227 -3.43 -19.78 7.75
C ARG A 227 -4.37 -18.99 8.67
N PRO A 228 -4.85 -17.79 8.25
CA PRO A 228 -5.88 -17.10 9.04
C PRO A 228 -7.14 -17.96 9.05
N HIS A 229 -7.81 -17.97 10.16
CA HIS A 229 -9.05 -18.74 10.36
C HIS A 229 -10.14 -18.49 9.32
N LEU A 230 -10.22 -17.28 8.80
CA LEU A 230 -11.23 -16.90 7.78
C LEU A 230 -10.79 -17.25 6.36
N ALA A 231 -9.52 -17.66 6.19
CA ALA A 231 -9.04 -18.03 4.86
C ALA A 231 -9.30 -19.52 4.57
N SER A 232 -9.93 -19.83 3.44
CA SER A 232 -10.14 -21.23 3.03
C SER A 232 -8.78 -21.79 2.59
N GLU A 233 -8.67 -23.11 2.37
CA GLU A 233 -7.40 -23.70 1.91
C GLU A 233 -6.96 -23.11 0.54
N LYS A 234 -7.91 -22.86 -0.37
CA LYS A 234 -7.58 -22.26 -1.67
C LYS A 234 -7.02 -20.83 -1.54
N VAL A 235 -7.59 -20.00 -0.63
CA VAL A 235 -7.16 -18.62 -0.37
C VAL A 235 -5.75 -18.60 0.27
N TYR A 236 -5.52 -19.53 1.19
CA TYR A 236 -4.25 -19.69 1.88
C TYR A 236 -3.18 -20.14 0.88
N THR A 237 -3.57 -20.97 -0.11
CA THR A 237 -2.67 -21.41 -1.18
C THR A 237 -2.18 -20.23 -2.00
N ILE A 238 -3.07 -19.26 -2.26
CA ILE A 238 -2.72 -18.05 -3.04
C ILE A 238 -1.73 -17.21 -2.26
N MET A 239 -2.07 -16.81 -1.00
CA MET A 239 -1.14 -15.99 -0.22
C MET A 239 0.19 -16.67 -0.03
N TYR A 240 0.22 -18.01 0.24
CA TYR A 240 1.44 -18.80 0.42
C TYR A 240 2.37 -18.78 -0.78
N SER A 241 1.80 -18.83 -2.00
CA SER A 241 2.51 -18.82 -3.26
C SER A 241 3.31 -17.54 -3.45
N CYS A 242 2.92 -16.45 -2.74
CA CYS A 242 3.66 -15.17 -2.76
C CYS A 242 4.95 -15.25 -1.96
N TRP A 243 5.11 -16.27 -1.11
CA TRP A 243 6.23 -16.36 -0.18
C TRP A 243 7.25 -17.42 -0.52
N HIS A 244 7.31 -17.80 -1.80
CA HIS A 244 8.31 -18.76 -2.24
C HIS A 244 9.69 -18.20 -1.93
N GLU A 245 10.59 -19.05 -1.41
CA GLU A 245 11.96 -18.62 -1.07
C GLU A 245 12.68 -18.10 -2.32
N LYS A 246 12.38 -18.71 -3.47
CA LYS A 246 12.97 -18.29 -4.72
C LYS A 246 12.04 -17.23 -5.35
N ALA A 247 12.51 -15.99 -5.46
CA ALA A 247 11.73 -14.86 -6.01
C ALA A 247 11.12 -15.18 -7.38
N ASP A 248 11.91 -15.81 -8.27
CA ASP A 248 11.49 -16.19 -9.63
C ASP A 248 10.36 -17.25 -9.63
N GLU A 249 10.16 -17.95 -8.51
CA GLU A 249 9.10 -18.94 -8.40
C GLU A 249 7.79 -18.33 -7.88
N ARG A 250 7.80 -17.04 -7.51
CA ARG A 250 6.60 -16.32 -7.07
C ARG A 250 5.76 -15.94 -8.27
N PRO A 251 4.42 -15.90 -8.14
CA PRO A 251 3.62 -15.55 -9.32
C PRO A 251 3.71 -14.07 -9.66
N THR A 252 3.14 -13.68 -10.78
CA THR A 252 3.02 -12.28 -11.18
C THR A 252 1.65 -11.84 -10.64
N PHE A 253 1.35 -10.55 -10.69
CA PHE A 253 0.02 -10.03 -10.29
C PHE A 253 -1.09 -10.45 -11.23
N LYS A 254 -0.72 -10.71 -12.50
CA LYS A 254 -1.67 -11.18 -13.51
C LYS A 254 -2.12 -12.60 -13.14
N ILE A 255 -1.17 -13.47 -12.73
CA ILE A 255 -1.41 -14.87 -12.28
C ILE A 255 -2.21 -14.85 -10.98
N LEU A 256 -1.85 -13.97 -10.06
CA LEU A 256 -2.59 -13.86 -8.80
C LEU A 256 -4.03 -13.42 -9.06
N LEU A 257 -4.24 -12.46 -9.98
CA LEU A 257 -5.59 -12.01 -10.34
C LEU A 257 -6.44 -13.18 -10.83
N SER A 258 -5.88 -14.03 -11.73
N SER A 258 -5.88 -14.02 -11.73
N SER A 258 -5.87 -14.02 -11.73
CA SER A 258 -6.60 -15.21 -12.24
CA SER A 258 -6.53 -15.22 -12.25
CA SER A 258 -6.53 -15.22 -12.26
C SER A 258 -6.91 -16.19 -11.09
C SER A 258 -6.89 -16.18 -11.11
C SER A 258 -6.87 -16.19 -11.12
N ASN A 259 -5.99 -16.31 -10.11
CA ASN A 259 -6.18 -17.19 -8.94
C ASN A 259 -7.29 -16.64 -8.03
N ILE A 260 -7.31 -15.31 -7.83
CA ILE A 260 -8.35 -14.71 -6.98
C ILE A 260 -9.71 -14.85 -7.66
N LEU A 261 -9.78 -14.60 -8.97
CA LEU A 261 -11.04 -14.72 -9.70
C LEU A 261 -11.58 -16.13 -9.66
N ASP A 262 -10.70 -17.13 -9.79
CA ASP A 262 -11.07 -18.55 -9.72
C ASP A 262 -11.66 -18.90 -8.34
N VAL A 263 -11.09 -18.36 -7.24
CA VAL A 263 -11.58 -18.59 -5.88
C VAL A 263 -12.91 -17.89 -5.66
N MET A 264 -13.06 -16.67 -6.21
CA MET A 264 -14.31 -15.96 -6.17
C MET A 264 -15.41 -16.79 -6.82
N ASP A 265 -15.10 -17.47 -7.93
CA ASP A 265 -16.06 -18.33 -8.61
C ASP A 265 -16.34 -19.60 -7.82
N GLU A 266 -15.32 -20.11 -7.09
CA GLU A 266 -15.40 -21.34 -6.29
C GLU A 266 -16.18 -21.18 -5.00
N GLU A 267 -16.09 -20.01 -4.35
CA GLU A 267 -16.79 -19.75 -3.09
C GLU A 267 -18.00 -18.84 -3.27
C2 X9J B . -3.26 9.09 3.02
C3 X9J B . -4.37 9.70 3.67
C7 X9J B . -2.05 8.91 3.69
C8 X9J B . -0.64 9.20 5.83
C9 X9J B . 1.22 9.39 4.17
C10 X9J B . 2.32 8.73 3.42
C13 X9J B . 3.83 7.33 2.74
C16 X9J B . 4.83 6.20 2.68
C19 X9J B . 5.67 6.22 1.40
C21 X9J B . -5.67 9.83 2.97
C22 X9J B . -5.70 9.99 1.57
N29 X9J B . -7.32 9.52 4.93
C30 X9J B . -9.41 9.22 6.19
C31 X9J B . -8.93 9.17 7.48
C34 X9J B . -10.81 9.02 6.23
C35 X9J B . -9.97 8.84 9.73
N1 X9J B . 0.51 8.66 5.07
C4 X9J B . -4.26 10.08 5.01
C5 X9J B . -3.04 9.89 5.66
C6 X9J B . -1.93 9.34 5.02
O11 X9J B . 0.93 10.54 3.93
N12 X9J B . 2.97 7.61 3.76
N14 X9J B . 3.58 8.22 1.81
O15 X9J B . 2.71 9.03 2.16
C17 X9J B . 5.81 6.29 3.86
C18 X9J B . 4.13 4.83 2.75
F20 X9J B . -2.96 10.27 6.94
C23 X9J B . -6.93 9.97 0.92
N24 X9J B . -8.07 9.82 1.57
C25 X9J B . -6.93 9.67 3.64
C26 X9J B . -8.11 9.70 2.87
N27 X9J B . -9.16 9.55 3.76
C28 X9J B . -8.63 9.42 4.99
N32 X9J B . -9.99 8.96 8.27
N33 X9J B . -11.13 8.86 7.48
S DMS C . -11.26 26.97 5.55
O DMS C . -10.50 26.74 4.29
C1 DMS C . -11.76 28.65 5.54
C2 DMS C . -12.85 26.30 5.22
S DMS D . 8.70 -4.90 0.68
O DMS D . 8.34 -4.55 -0.71
C1 DMS D . 10.09 -3.88 1.09
C2 DMS D . 7.52 -4.01 1.66
S DMS E . -15.02 8.96 -1.58
O DMS E . -15.08 7.80 -0.73
C1 DMS E . -15.58 8.38 -3.18
C2 DMS E . -16.39 10.02 -1.12
#